data_6OW7
#
_entry.id   6OW7
#
_cell.length_a   69.229
_cell.length_b   69.229
_cell.length_c   91.879
_cell.angle_alpha   90.000
_cell.angle_beta   90.000
_cell.angle_gamma   90.000
#
_symmetry.space_group_name_H-M   'P 43'
#
loop_
_entity.id
_entity.type
_entity.pdbx_description
1 polymer 'Peptide deformylase'
2 non-polymer 'NICKEL (II) ION'
3 non-polymer 'SULFATE ION'
4 non-polymer (3S)-2-{(2R)-2-(cyclopentylmethyl)-3-[formyl(hydroxy)amino]propanoyl}-N-(pyridin-2-yl)hexahydropyridazine-3-carboxamide
5 water water
#
_entity_poly.entity_id   1
_entity_poly.type   'polypeptide(L)'
_entity_poly.pdbx_seq_one_letter_code
;SAIERITKAAHLIDMNDIIREGNPTLRTVAEEVTFPLSDQEIILGEKMMQFLKHSQDPVMAEKMGLRGGVGLAAPQLDIS
KRIIAVLVPNIVEEGETPQEAYDLEAIMYNPKIVSHSVQDAALGEGEGCLSVDRNVPGYVVRHARVTVDYFDKDGEKHRI
KLKGYNSIVVQHEIDHINGIMFYDRINEKDPFAVKDGLLILE
;
_entity_poly.pdbx_strand_id   P,Q
#
# COMPACT_ATOMS: atom_id res chain seq x y z
N SER A 1 -32.23 29.87 6.17
CA SER A 1 -31.14 29.01 5.73
C SER A 1 -31.14 27.71 6.50
N ALA A 2 -30.47 26.70 5.95
CA ALA A 2 -30.40 25.40 6.62
C ALA A 2 -29.71 25.53 7.97
N ILE A 3 -28.60 26.27 8.05
CA ILE A 3 -27.86 26.32 9.31
C ILE A 3 -28.69 27.03 10.39
N GLU A 4 -29.43 28.08 10.02
CA GLU A 4 -30.27 28.75 11.00
C GLU A 4 -31.37 27.81 11.49
N ARG A 5 -31.98 27.07 10.58
CA ARG A 5 -33.05 26.14 10.92
C ARG A 5 -32.56 25.02 11.83
N ILE A 6 -31.40 24.44 11.50
CA ILE A 6 -30.93 23.23 12.16
C ILE A 6 -30.34 23.53 13.54
N THR A 7 -29.84 24.74 13.76
CA THR A 7 -29.16 25.04 15.02
C THR A 7 -30.09 25.65 16.07
N LYS A 8 -31.40 25.70 15.84
CA LYS A 8 -32.34 26.05 16.90
C LYS A 8 -32.28 25.00 18.00
N ALA A 9 -32.46 25.44 19.25
CA ALA A 9 -32.33 24.50 20.37
C ALA A 9 -33.28 23.32 20.19
N ALA A 10 -34.50 23.59 19.72
CA ALA A 10 -35.50 22.54 19.63
C ALA A 10 -35.32 21.59 18.45
N HIS A 11 -34.45 21.90 17.49
CA HIS A 11 -34.42 21.12 16.27
C HIS A 11 -33.72 19.78 16.43
N LEU A 12 -34.36 18.72 15.95
CA LEU A 12 -33.75 17.39 15.83
C LEU A 12 -33.55 17.10 14.35
N ILE A 13 -32.29 16.90 13.94
CA ILE A 13 -32.03 16.54 12.55
C ILE A 13 -32.68 15.20 12.23
N ASP A 14 -33.33 15.12 11.06
CA ASP A 14 -33.86 13.86 10.60
C ASP A 14 -33.64 13.76 9.09
N MET A 15 -34.21 12.72 8.47
CA MET A 15 -33.96 12.51 7.05
C MET A 15 -34.47 13.66 6.19
N ASN A 16 -35.47 14.41 6.66
CA ASN A 16 -35.95 15.54 5.86
C ASN A 16 -34.94 16.68 5.78
N ASP A 17 -33.90 16.68 6.63
CA ASP A 17 -32.84 17.66 6.55
C ASP A 17 -31.72 17.24 5.61
N ILE A 18 -31.69 15.98 5.19
CA ILE A 18 -30.55 15.42 4.47
C ILE A 18 -30.87 15.45 2.98
N ILE A 19 -30.06 16.19 2.23
CA ILE A 19 -30.27 16.33 0.79
C ILE A 19 -29.76 15.08 0.07
N ARG A 20 -30.29 14.85 -1.12
CA ARG A 20 -29.96 13.66 -1.90
C ARG A 20 -29.38 14.04 -3.26
N GLU A 21 -28.89 13.02 -3.97
CA GLU A 21 -28.32 13.19 -5.29
C GLU A 21 -29.19 14.13 -6.13
N GLY A 22 -28.52 14.95 -6.93
CA GLY A 22 -29.22 15.90 -7.75
C GLY A 22 -29.06 17.31 -7.21
N ASN A 23 -29.09 17.45 -5.90
CA ASN A 23 -28.85 18.75 -5.29
C ASN A 23 -27.38 19.12 -5.49
N PRO A 24 -27.08 20.23 -6.18
CA PRO A 24 -25.68 20.50 -6.55
C PRO A 24 -24.76 20.74 -5.37
N THR A 25 -25.31 21.00 -4.18
CA THR A 25 -24.44 21.19 -3.01
C THR A 25 -23.56 19.97 -2.75
N LEU A 26 -24.05 18.78 -3.10
CA LEU A 26 -23.26 17.56 -2.90
C LEU A 26 -22.07 17.46 -3.84
N ARG A 27 -22.06 18.27 -4.92
CA ARG A 27 -20.97 18.26 -5.89
C ARG A 27 -20.11 19.51 -5.80
N THR A 28 -20.30 20.32 -4.77
CA THR A 28 -19.54 21.55 -4.57
C THR A 28 -18.47 21.32 -3.51
N VAL A 29 -17.35 22.03 -3.65
CA VAL A 29 -16.28 21.97 -2.67
C VAL A 29 -16.64 22.91 -1.52
N ALA A 30 -16.74 22.35 -0.32
CA ALA A 30 -17.19 23.12 0.83
C ALA A 30 -16.12 24.10 1.32
N GLU A 31 -16.59 25.19 1.92
CA GLU A 31 -15.73 26.27 2.38
C GLU A 31 -15.14 25.96 3.75
N GLU A 32 -13.85 26.26 3.92
CA GLU A 32 -13.24 26.14 5.23
C GLU A 32 -13.98 27.03 6.22
N VAL A 33 -14.06 26.58 7.47
CA VAL A 33 -14.52 27.46 8.53
C VAL A 33 -13.35 28.26 9.06
N THR A 34 -13.65 29.45 9.59
CA THR A 34 -12.65 30.29 10.24
C THR A 34 -12.79 30.21 11.75
N PHE A 35 -11.71 30.57 12.43
CA PHE A 35 -11.72 30.55 13.88
C PHE A 35 -11.52 31.96 14.43
N PRO A 36 -12.22 32.30 15.52
CA PRO A 36 -13.10 31.39 16.25
C PRO A 36 -14.40 31.01 15.51
N LEU A 37 -14.94 29.83 15.82
CA LEU A 37 -16.20 29.37 15.26
C LEU A 37 -17.35 30.22 15.77
N SER A 38 -18.39 30.35 14.95
CA SER A 38 -19.61 30.95 15.46
C SER A 38 -20.36 29.95 16.35
N ASP A 39 -21.26 30.47 17.19
CA ASP A 39 -22.11 29.58 17.96
C ASP A 39 -22.84 28.59 17.06
N GLN A 40 -23.37 29.08 15.93
CA GLN A 40 -24.08 28.20 15.00
C GLN A 40 -23.18 27.07 14.48
N GLU A 41 -21.91 27.36 14.18
CA GLU A 41 -21.01 26.31 13.71
C GLU A 41 -20.75 25.26 14.78
N ILE A 42 -20.63 25.68 16.03
CA ILE A 42 -20.49 24.75 17.14
C ILE A 42 -21.76 23.92 17.30
N ILE A 43 -22.91 24.57 17.37
CA ILE A 43 -24.17 23.85 17.54
C ILE A 43 -24.38 22.87 16.39
N LEU A 44 -24.03 23.28 15.17
CA LEU A 44 -24.23 22.42 14.01
C LEU A 44 -23.49 21.10 14.19
N GLY A 45 -22.21 21.17 14.55
CA GLY A 45 -21.46 19.93 14.79
C GLY A 45 -22.11 19.06 15.86
N GLU A 46 -22.59 19.68 16.94
CA GLU A 46 -23.25 18.93 18.00
C GLU A 46 -24.54 18.30 17.50
N LYS A 47 -25.30 19.02 16.68
CA LYS A 47 -26.54 18.46 16.15
C LYS A 47 -26.26 17.30 15.20
N MET A 48 -25.17 17.39 14.43
CA MET A 48 -24.80 16.30 13.54
C MET A 48 -24.44 15.05 14.35
N MET A 49 -23.70 15.21 15.43
CA MET A 49 -23.38 14.06 16.27
C MET A 49 -24.63 13.49 16.92
N GLN A 50 -25.54 14.37 17.37
CA GLN A 50 -26.79 13.89 17.96
C GLN A 50 -27.60 13.07 16.96
N PHE A 51 -27.62 13.49 15.70
CA PHE A 51 -28.25 12.69 14.65
C PHE A 51 -27.64 11.30 14.59
N LEU A 52 -26.32 11.21 14.58
CA LEU A 52 -25.69 9.90 14.46
C LEU A 52 -26.08 9.01 15.64
N LYS A 53 -26.07 9.59 16.85
CA LYS A 53 -26.43 8.81 18.03
C LYS A 53 -27.90 8.38 17.98
N HIS A 54 -28.79 9.27 17.58
CA HIS A 54 -30.19 8.88 17.41
C HIS A 54 -30.33 7.78 16.38
N SER A 55 -29.59 7.87 15.28
CA SER A 55 -29.71 6.91 14.19
C SER A 55 -29.22 5.52 14.56
N GLN A 56 -28.36 5.41 15.57
CA GLN A 56 -27.82 4.15 16.04
C GLN A 56 -28.60 3.57 17.23
N ASP A 57 -29.56 4.32 17.75
CA ASP A 57 -30.47 3.82 18.77
C ASP A 57 -31.67 3.25 18.04
N PRO A 58 -31.89 1.93 18.06
CA PRO A 58 -32.96 1.36 17.23
C PRO A 58 -34.34 1.92 17.54
N VAL A 59 -34.63 2.18 18.81
CA VAL A 59 -35.93 2.73 19.20
C VAL A 59 -36.09 4.13 18.64
N MET A 60 -35.13 5.00 18.92
CA MET A 60 -35.18 6.36 18.39
C MET A 60 -35.16 6.38 16.88
N ALA A 61 -34.30 5.56 16.27
CA ALA A 61 -34.27 5.49 14.81
C ALA A 61 -35.64 5.14 14.24
N GLU A 62 -36.32 4.16 14.83
CA GLU A 62 -37.63 3.78 14.32
C GLU A 62 -38.62 4.93 14.49
N LYS A 63 -38.58 5.59 15.64
CA LYS A 63 -39.52 6.68 15.93
C LYS A 63 -39.30 7.86 14.99
N MET A 64 -38.04 8.19 14.70
CA MET A 64 -37.71 9.33 13.85
C MET A 64 -37.63 8.98 12.38
N GLY A 65 -37.74 7.70 12.03
CA GLY A 65 -37.63 7.29 10.65
C GLY A 65 -36.23 7.40 10.08
N LEU A 66 -35.22 7.08 10.87
CA LEU A 66 -33.84 7.30 10.48
C LEU A 66 -33.23 6.04 9.87
N ARG A 67 -32.35 6.25 8.90
CA ARG A 67 -31.39 5.24 8.49
C ARG A 67 -30.18 5.35 9.41
N GLY A 68 -29.75 4.22 9.99
CA GLY A 68 -28.60 4.24 10.89
C GLY A 68 -27.32 4.57 10.15
N GLY A 69 -26.53 5.50 10.70
CA GLY A 69 -25.34 5.98 10.02
C GLY A 69 -24.17 6.11 10.97
N VAL A 70 -22.97 6.12 10.37
CA VAL A 70 -21.72 6.22 11.13
C VAL A 70 -20.95 7.49 10.82
N GLY A 71 -21.46 8.33 9.93
CA GLY A 71 -20.83 9.61 9.65
C GLY A 71 -21.81 10.52 8.97
N LEU A 72 -21.51 11.82 9.01
CA LEU A 72 -22.34 12.83 8.38
C LEU A 72 -21.45 14.02 8.04
N ALA A 73 -21.68 14.64 6.89
CA ALA A 73 -20.93 15.83 6.49
C ALA A 73 -21.90 16.98 6.28
N ALA A 74 -21.47 18.19 6.63
CA ALA A 74 -22.37 19.33 6.53
C ALA A 74 -22.97 19.52 5.15
N PRO A 75 -22.25 19.33 4.03
CA PRO A 75 -22.91 19.44 2.73
C PRO A 75 -24.13 18.56 2.59
N GLN A 76 -24.19 17.43 3.30
CA GLN A 76 -25.38 16.59 3.24
C GLN A 76 -26.59 17.27 3.89
N LEU A 77 -26.38 18.34 4.65
CA LEU A 77 -27.46 19.15 5.19
C LEU A 77 -27.66 20.43 4.40
N ASP A 78 -27.09 20.50 3.19
CA ASP A 78 -27.14 21.70 2.36
C ASP A 78 -26.34 22.86 2.95
N ILE A 79 -25.32 22.53 3.74
CA ILE A 79 -24.48 23.53 4.41
C ILE A 79 -23.07 23.31 3.88
N SER A 80 -22.61 24.22 3.03
CA SER A 80 -21.35 24.05 2.32
C SER A 80 -20.17 24.50 3.18
N LYS A 81 -19.97 23.78 4.29
CA LYS A 81 -18.89 24.07 5.23
C LYS A 81 -18.13 22.79 5.51
N ARG A 82 -16.84 22.93 5.81
CA ARG A 82 -15.96 21.76 6.00
C ARG A 82 -16.07 21.27 7.45
N ILE A 83 -17.21 20.63 7.75
CA ILE A 83 -17.54 20.13 9.08
C ILE A 83 -18.06 18.72 8.93
N ILE A 84 -17.50 17.78 9.68
CA ILE A 84 -17.95 16.39 9.62
C ILE A 84 -18.10 15.85 11.04
N ALA A 85 -18.96 14.84 11.17
CA ALA A 85 -19.11 14.10 12.42
C ALA A 85 -18.98 12.62 12.09
N VAL A 86 -18.27 11.88 12.95
CA VAL A 86 -18.09 10.45 12.76
C VAL A 86 -18.36 9.73 14.06
N LEU A 87 -19.06 8.60 13.97
CA LEU A 87 -19.44 7.83 15.15
C LEU A 87 -19.40 6.36 14.72
N VAL A 88 -18.23 5.74 14.89
CA VAL A 88 -18.01 4.38 14.41
C VAL A 88 -18.12 3.46 15.61
N PRO A 89 -19.13 2.58 15.66
CA PRO A 89 -19.29 1.70 16.82
C PRO A 89 -18.21 0.63 16.84
N ASN A 90 -17.91 0.14 18.04
CA ASN A 90 -17.06 -1.02 18.17
C ASN A 90 -17.86 -2.27 17.87
N ILE A 91 -17.17 -3.29 17.34
CA ILE A 91 -17.80 -4.55 17.01
C ILE A 91 -18.04 -5.37 18.25
N THR A 97 -21.05 -6.29 24.91
CA THR A 97 -19.83 -7.08 24.80
C THR A 97 -18.58 -6.30 24.34
N PRO A 98 -18.74 -5.14 23.70
CA PRO A 98 -17.58 -4.27 23.49
C PRO A 98 -17.31 -3.48 24.76
N GLN A 99 -16.03 -3.26 25.05
CA GLN A 99 -15.66 -2.55 26.27
C GLN A 99 -16.12 -1.09 26.20
N GLU A 100 -15.97 -0.46 25.04
CA GLU A 100 -16.49 0.88 24.81
C GLU A 100 -17.43 0.85 23.62
N ALA A 101 -18.43 1.74 23.66
CA ALA A 101 -19.44 1.76 22.61
C ALA A 101 -18.84 2.08 21.25
N TYR A 102 -17.90 3.03 21.21
CA TYR A 102 -17.49 3.65 19.95
C TYR A 102 -16.00 3.47 19.68
N ASP A 103 -15.69 3.00 18.47
CA ASP A 103 -14.31 2.96 18.00
C ASP A 103 -13.78 4.38 17.77
N LEU A 104 -14.64 5.28 17.30
CA LEU A 104 -14.26 6.65 17.02
C LEU A 104 -15.49 7.52 17.15
N GLU A 105 -15.38 8.60 17.93
CA GLU A 105 -16.42 9.61 18.07
C GLU A 105 -15.75 10.96 17.95
N ALA A 106 -16.08 11.72 16.90
CA ALA A 106 -15.42 13.00 16.72
C ALA A 106 -16.26 13.94 15.88
N ILE A 107 -16.25 15.22 16.25
CA ILE A 107 -16.74 16.32 15.41
C ILE A 107 -15.52 17.07 14.92
N MET A 108 -15.33 17.12 13.59
CA MET A 108 -14.11 17.65 13.02
C MET A 108 -14.38 18.87 12.14
N TYR A 109 -13.64 19.95 12.41
CA TYR A 109 -13.68 21.18 11.63
C TYR A 109 -12.43 21.26 10.76
N ASN A 110 -12.62 21.57 9.48
CA ASN A 110 -11.55 21.59 8.50
C ASN A 110 -10.65 20.34 8.54
N PRO A 111 -11.23 19.15 8.52
CA PRO A 111 -10.38 17.95 8.48
C PRO A 111 -9.59 17.88 7.19
N LYS A 112 -8.37 17.35 7.29
CA LYS A 112 -7.48 17.26 6.14
C LYS A 112 -6.59 16.04 6.27
N ILE A 113 -6.48 15.25 5.20
CA ILE A 113 -5.53 14.15 5.18
C ILE A 113 -4.14 14.71 4.90
N VAL A 114 -3.22 14.53 5.84
CA VAL A 114 -1.84 15.02 5.68
C VAL A 114 -0.85 13.93 5.35
N SER A 115 -1.22 12.65 5.49
CA SER A 115 -0.37 11.55 5.08
C SER A 115 -1.27 10.36 4.83
N HIS A 116 -0.83 9.47 3.94
CA HIS A 116 -1.61 8.26 3.68
C HIS A 116 -0.68 7.13 3.29
N SER A 117 -1.13 5.91 3.53
CA SER A 117 -0.37 4.72 3.19
C SER A 117 -0.32 4.51 1.68
N VAL A 118 0.71 3.78 1.22
CA VAL A 118 0.70 3.31 -0.16
C VAL A 118 -0.42 2.31 -0.36
N GLN A 119 -0.60 1.42 0.60
CA GLN A 119 -1.67 0.43 0.55
C GLN A 119 -3.03 1.12 0.47
N ASP A 120 -3.92 0.55 -0.34
CA ASP A 120 -5.32 0.94 -0.42
C ASP A 120 -6.17 -0.01 0.42
N ALA A 121 -7.42 0.38 0.64
CA ALA A 121 -8.36 -0.51 1.32
C ALA A 121 -9.77 -0.23 0.81
N ALA A 122 -10.64 -1.24 0.94
CA ALA A 122 -12.06 -1.09 0.61
C ALA A 122 -12.86 -2.02 1.51
N LEU A 123 -14.06 -1.58 1.90
CA LEU A 123 -14.97 -2.45 2.63
C LEU A 123 -15.44 -3.57 1.72
N GLY A 124 -15.45 -4.80 2.25
CA GLY A 124 -15.83 -5.94 1.43
C GLY A 124 -17.27 -5.92 0.99
N GLU A 125 -18.13 -5.24 1.74
CA GLU A 125 -19.55 -5.14 1.42
C GLU A 125 -19.91 -3.89 0.65
N GLY A 126 -18.91 -3.12 0.20
CA GLY A 126 -19.17 -1.88 -0.51
C GLY A 126 -19.56 -0.78 0.45
N GLU A 127 -20.07 0.31 -0.11
CA GLU A 127 -20.53 1.43 0.69
C GLU A 127 -21.92 1.85 0.25
N GLY A 128 -22.61 2.56 1.15
CA GLY A 128 -23.81 3.29 0.82
C GLY A 128 -23.65 4.72 1.30
N CYS A 129 -24.72 5.49 1.18
CA CYS A 129 -24.64 6.89 1.58
C CYS A 129 -26.04 7.40 1.91
N LEU A 130 -26.14 8.20 2.96
CA LEU A 130 -27.45 8.72 3.38
C LEU A 130 -28.05 9.62 2.31
N SER A 131 -27.23 10.13 1.40
CA SER A 131 -27.68 11.00 0.33
C SER A 131 -28.00 10.26 -0.96
N VAL A 132 -27.90 8.94 -0.96
CA VAL A 132 -28.01 8.10 -2.15
C VAL A 132 -29.10 7.07 -1.89
N ASP A 133 -30.26 7.26 -2.51
CA ASP A 133 -31.44 6.44 -2.26
C ASP A 133 -31.53 5.28 -3.24
N ARG A 134 -30.46 4.48 -3.27
CA ARG A 134 -30.29 3.36 -4.15
C ARG A 134 -28.96 2.70 -3.81
N ASN A 135 -28.79 1.47 -4.27
CA ASN A 135 -27.58 0.70 -4.02
C ASN A 135 -26.71 0.73 -5.26
N VAL A 136 -25.41 0.99 -5.08
CA VAL A 136 -24.42 0.89 -6.14
C VAL A 136 -23.35 -0.09 -5.70
N PRO A 137 -23.26 -1.27 -6.32
CA PRO A 137 -22.35 -2.29 -5.84
C PRO A 137 -20.91 -2.02 -6.29
N GLY A 138 -19.98 -2.58 -5.52
CA GLY A 138 -18.58 -2.50 -5.88
C GLY A 138 -17.65 -2.05 -4.77
N TYR A 139 -16.36 -2.32 -4.92
CA TYR A 139 -15.34 -1.91 -3.95
C TYR A 139 -15.05 -0.44 -4.10
N VAL A 140 -15.25 0.32 -3.03
CA VAL A 140 -14.93 1.74 -3.00
C VAL A 140 -13.48 1.88 -2.55
N VAL A 141 -12.59 2.21 -3.48
CA VAL A 141 -11.16 2.13 -3.24
C VAL A 141 -10.69 3.38 -2.52
N ARG A 142 -10.04 3.20 -1.36
CA ARG A 142 -9.60 4.30 -0.50
C ARG A 142 -8.18 4.02 -0.02
N HIS A 143 -7.60 4.98 0.70
CA HIS A 143 -6.31 4.71 1.35
C HIS A 143 -6.54 3.79 2.55
N ALA A 144 -5.63 2.84 2.79
CA ALA A 144 -5.80 1.97 3.94
C ALA A 144 -5.69 2.75 5.24
N ARG A 145 -4.63 3.56 5.39
CA ARG A 145 -4.37 4.31 6.60
C ARG A 145 -4.19 5.78 6.24
N VAL A 146 -4.68 6.66 7.12
CA VAL A 146 -4.54 8.10 6.93
C VAL A 146 -4.17 8.77 8.24
N THR A 147 -3.40 9.86 8.13
CA THR A 147 -3.18 10.79 9.22
C THR A 147 -4.02 12.02 8.90
N VAL A 148 -4.88 12.40 9.85
CA VAL A 148 -5.84 13.46 9.66
C VAL A 148 -5.57 14.56 10.67
N ASP A 149 -5.44 15.79 10.18
CA ASP A 149 -5.46 16.98 11.01
C ASP A 149 -6.85 17.57 11.00
N TYR A 150 -7.31 18.02 12.16
CA TYR A 150 -8.59 18.71 12.21
C TYR A 150 -8.57 19.62 13.43
N PHE A 151 -9.57 20.50 13.49
CA PHE A 151 -9.75 21.37 14.64
C PHE A 151 -11.03 20.97 15.37
N ASP A 152 -11.00 21.05 16.71
CA ASP A 152 -12.21 20.80 17.48
C ASP A 152 -13.03 22.07 17.66
N LYS A 153 -14.19 21.92 18.31
CA LYS A 153 -15.13 23.02 18.49
C LYS A 153 -14.57 24.11 19.37
N ASP A 154 -13.48 23.85 20.10
CA ASP A 154 -12.80 24.88 20.86
C ASP A 154 -11.68 25.54 20.09
N GLY A 155 -11.42 25.10 18.85
CA GLY A 155 -10.34 25.62 18.06
C GLY A 155 -8.99 24.95 18.26
N GLU A 156 -8.93 23.86 19.03
CA GLU A 156 -7.67 23.15 19.23
C GLU A 156 -7.39 22.20 18.05
N LYS A 157 -6.12 22.10 17.67
CA LYS A 157 -5.72 21.25 16.55
C LYS A 157 -5.40 19.83 17.02
N HIS A 158 -5.89 18.85 16.26
CA HIS A 158 -5.67 17.45 16.54
C HIS A 158 -5.07 16.78 15.33
N ARG A 159 -4.14 15.85 15.57
CA ARG A 159 -3.53 15.04 14.53
C ARG A 159 -3.70 13.59 14.96
N ILE A 160 -4.48 12.82 14.18
CA ILE A 160 -4.86 11.45 14.53
C ILE A 160 -4.48 10.52 13.39
N LYS A 161 -4.23 9.26 13.73
CA LYS A 161 -3.95 8.22 12.76
C LYS A 161 -5.07 7.20 12.79
N LEU A 162 -5.58 6.87 11.60
CA LEU A 162 -6.73 5.98 11.45
C LEU A 162 -6.38 4.82 10.53
N LYS A 163 -6.98 3.67 10.82
CA LYS A 163 -6.85 2.45 10.02
C LYS A 163 -8.21 1.75 10.02
N GLY A 164 -8.31 0.64 9.30
CA GLY A 164 -9.54 -0.15 9.32
C GLY A 164 -10.77 0.65 8.94
N TYR A 165 -11.88 0.35 9.65
CA TYR A 165 -13.16 1.00 9.37
C TYR A 165 -13.09 2.50 9.60
N ASN A 166 -12.44 2.93 10.68
CA ASN A 166 -12.37 4.35 11.00
C ASN A 166 -11.78 5.13 9.83
N SER A 167 -10.69 4.60 9.24
CA SER A 167 -10.08 5.25 8.10
C SER A 167 -11.06 5.40 6.95
N ILE A 168 -11.83 4.35 6.65
CA ILE A 168 -12.80 4.40 5.55
C ILE A 168 -13.84 5.48 5.81
N VAL A 169 -14.41 5.49 7.02
CA VAL A 169 -15.52 6.39 7.32
C VAL A 169 -15.06 7.84 7.20
N VAL A 170 -13.93 8.16 7.79
CA VAL A 170 -13.46 9.54 7.73
C VAL A 170 -13.18 9.96 6.29
N GLN A 171 -12.63 9.05 5.46
CA GLN A 171 -12.40 9.41 4.07
C GLN A 171 -13.71 9.60 3.32
N HIS A 172 -14.74 8.80 3.62
CA HIS A 172 -16.04 9.03 3.01
C HIS A 172 -16.54 10.43 3.31
N GLU A 173 -16.42 10.88 4.56
CA GLU A 173 -16.94 12.20 4.90
C GLU A 173 -16.08 13.31 4.29
N ILE A 174 -14.76 13.14 4.27
CA ILE A 174 -13.89 14.14 3.64
C ILE A 174 -14.23 14.25 2.15
N ASP A 175 -14.53 13.12 1.51
CA ASP A 175 -14.98 13.18 0.12
C ASP A 175 -16.19 14.10 -0.02
N HIS A 176 -17.18 13.99 0.89
CA HIS A 176 -18.36 14.84 0.79
C HIS A 176 -17.99 16.32 0.78
N ILE A 177 -17.02 16.73 1.61
CA ILE A 177 -16.66 18.14 1.67
C ILE A 177 -15.83 18.58 0.48
N ASN A 178 -15.44 17.64 -0.38
CA ASN A 178 -14.77 17.91 -1.64
C ASN A 178 -15.67 17.64 -2.84
N GLY A 179 -16.95 17.36 -2.62
CA GLY A 179 -17.86 17.14 -3.72
C GLY A 179 -17.79 15.78 -4.36
N ILE A 180 -17.26 14.78 -3.65
CA ILE A 180 -17.03 13.44 -4.19
C ILE A 180 -17.99 12.48 -3.51
N MET A 181 -18.57 11.56 -4.29
CA MET A 181 -19.48 10.53 -3.81
C MET A 181 -18.82 9.17 -3.89
N PHE A 182 -19.31 8.23 -3.08
CA PHE A 182 -18.59 6.96 -2.94
C PHE A 182 -18.45 6.22 -4.26
N TYR A 183 -19.47 6.30 -5.12
CA TYR A 183 -19.41 5.55 -6.36
C TYR A 183 -18.37 6.12 -7.32
N ASP A 184 -17.93 7.35 -7.11
CA ASP A 184 -16.83 7.89 -7.90
C ASP A 184 -15.57 7.04 -7.79
N ARG A 185 -15.44 6.24 -6.73
CA ARG A 185 -14.23 5.47 -6.46
C ARG A 185 -14.41 3.98 -6.70
N ILE A 186 -15.50 3.58 -7.31
CA ILE A 186 -15.70 2.19 -7.74
C ILE A 186 -15.14 2.06 -9.15
N ASN A 187 -14.41 0.97 -9.40
CA ASN A 187 -13.83 0.74 -10.71
C ASN A 187 -14.93 0.57 -11.76
N GLU A 188 -14.95 1.45 -12.76
CA GLU A 188 -16.00 1.45 -13.77
C GLU A 188 -15.97 0.20 -14.64
N LYS A 189 -14.82 -0.45 -14.76
CA LYS A 189 -14.69 -1.59 -15.67
C LYS A 189 -15.03 -2.90 -14.97
N ASP A 190 -14.59 -3.06 -13.72
CA ASP A 190 -14.89 -4.25 -12.92
C ASP A 190 -15.10 -3.77 -11.50
N PRO A 191 -16.34 -3.59 -11.07
CA PRO A 191 -16.58 -3.01 -9.73
C PRO A 191 -15.94 -3.81 -8.60
N PHE A 192 -15.61 -5.09 -8.81
CA PHE A 192 -15.04 -5.91 -7.75
C PHE A 192 -13.60 -6.35 -8.04
N ALA A 193 -12.89 -5.63 -8.90
CA ALA A 193 -11.48 -5.91 -9.11
C ALA A 193 -10.70 -5.73 -7.81
N VAL A 194 -9.70 -6.58 -7.60
CA VAL A 194 -8.78 -6.44 -6.47
C VAL A 194 -7.38 -6.26 -7.05
N LYS A 195 -6.88 -5.03 -7.00
CA LYS A 195 -5.55 -4.74 -7.51
C LYS A 195 -4.49 -5.05 -6.46
N ASP A 196 -3.25 -5.17 -6.93
CA ASP A 196 -2.14 -5.36 -6.01
C ASP A 196 -2.11 -4.22 -5.01
N GLY A 197 -1.96 -4.54 -3.73
CA GLY A 197 -1.91 -3.54 -2.70
C GLY A 197 -3.26 -3.08 -2.17
N LEU A 198 -4.36 -3.68 -2.61
CA LEU A 198 -5.69 -3.32 -2.14
C LEU A 198 -6.12 -4.31 -1.07
N LEU A 199 -6.37 -3.81 0.13
CA LEU A 199 -6.78 -4.61 1.28
C LEU A 199 -8.31 -4.59 1.35
N ILE A 200 -8.94 -5.75 1.19
CA ILE A 200 -10.39 -5.87 1.31
C ILE A 200 -10.72 -6.14 2.77
N LEU A 201 -11.50 -5.26 3.37
CA LEU A 201 -11.82 -5.37 4.78
C LEU A 201 -13.10 -6.18 5.00
N SER B 1 3.03 -19.09 6.52
CA SER B 1 4.40 -19.14 5.99
C SER B 1 4.75 -17.81 5.33
N ALA B 2 6.05 -17.62 5.03
CA ALA B 2 6.48 -16.39 4.39
C ALA B 2 5.80 -16.19 3.05
N ILE B 3 5.72 -17.25 2.24
CA ILE B 3 5.13 -17.12 0.92
C ILE B 3 3.65 -16.77 1.03
N GLU B 4 2.94 -17.40 1.97
CA GLU B 4 1.52 -17.10 2.13
C GLU B 4 1.32 -15.65 2.53
N ARG B 5 2.13 -15.16 3.47
CA ARG B 5 2.02 -13.76 3.90
C ARG B 5 2.33 -12.80 2.75
N ILE B 6 3.42 -13.05 2.03
CA ILE B 6 3.88 -12.09 1.04
C ILE B 6 2.95 -12.06 -0.17
N THR B 7 2.33 -13.18 -0.52
CA THR B 7 1.53 -13.22 -1.75
C THR B 7 0.07 -12.82 -1.55
N LYS B 8 -0.30 -12.38 -0.34
CA LYS B 8 -1.61 -11.78 -0.17
C LYS B 8 -1.75 -10.60 -1.13
N ALA B 9 -2.95 -10.43 -1.70
CA ALA B 9 -3.14 -9.36 -2.69
C ALA B 9 -2.66 -8.02 -2.15
N ALA B 10 -2.96 -7.75 -0.88
CA ALA B 10 -2.68 -6.44 -0.32
C ALA B 10 -1.21 -6.19 -0.03
N HIS B 11 -0.37 -7.23 0.03
CA HIS B 11 0.96 -7.05 0.61
C HIS B 11 1.90 -6.34 -0.35
N LEU B 12 2.61 -5.34 0.17
CA LEU B 12 3.70 -4.67 -0.55
C LEU B 12 5.00 -5.08 0.12
N ILE B 13 5.90 -5.73 -0.64
CA ILE B 13 7.16 -6.14 -0.05
C ILE B 13 7.96 -4.91 0.35
N ASP B 14 8.56 -4.96 1.53
CA ASP B 14 9.46 -3.90 1.98
C ASP B 14 10.61 -4.52 2.76
N MET B 15 11.40 -3.68 3.43
CA MET B 15 12.63 -4.17 4.06
C MET B 15 12.36 -5.13 5.21
N ASN B 16 11.19 -5.06 5.84
CA ASN B 16 10.90 -5.98 6.92
C ASN B 16 10.64 -7.40 6.43
N ASP B 17 10.48 -7.61 5.13
CA ASP B 17 10.37 -8.95 4.58
C ASP B 17 11.72 -9.55 4.22
N ILE B 18 12.77 -8.74 4.18
CA ILE B 18 14.09 -9.17 3.70
C ILE B 18 14.90 -9.68 4.89
N ILE B 19 15.23 -10.98 4.88
CA ILE B 19 16.03 -11.56 5.96
C ILE B 19 17.50 -11.19 5.78
N ARG B 20 18.24 -11.23 6.88
CA ARG B 20 19.62 -10.77 6.93
C ARG B 20 20.57 -11.89 7.34
N GLU B 21 21.86 -11.58 7.27
CA GLU B 21 22.90 -12.52 7.66
C GLU B 21 22.56 -13.18 8.99
N GLY B 22 22.77 -14.50 9.06
CA GLY B 22 22.49 -15.28 10.25
C GLY B 22 21.26 -16.15 10.12
N ASN B 23 20.31 -15.74 9.29
CA ASN B 23 19.17 -16.60 9.03
C ASN B 23 19.61 -17.76 8.16
N PRO B 24 19.49 -19.01 8.60
CA PRO B 24 20.05 -20.13 7.83
C PRO B 24 19.42 -20.30 6.45
N THR B 25 18.27 -19.68 6.18
CA THR B 25 17.68 -19.82 4.84
C THR B 25 18.59 -19.25 3.75
N LEU B 26 19.42 -18.26 4.10
CA LEU B 26 20.33 -17.67 3.12
C LEU B 26 21.48 -18.61 2.76
N ARG B 27 21.75 -19.64 3.55
CA ARG B 27 22.82 -20.60 3.27
C ARG B 27 22.29 -21.94 2.80
N THR B 28 20.98 -22.08 2.62
CA THR B 28 20.37 -23.29 2.10
C THR B 28 20.33 -23.22 0.58
N VAL B 29 20.36 -24.39 -0.05
CA VAL B 29 20.16 -24.49 -1.49
C VAL B 29 18.67 -24.53 -1.75
N ALA B 30 18.18 -23.56 -2.54
CA ALA B 30 16.76 -23.44 -2.75
C ALA B 30 16.22 -24.53 -3.67
N GLU B 31 14.96 -24.87 -3.48
CA GLU B 31 14.33 -25.95 -4.22
C GLU B 31 13.85 -25.46 -5.57
N GLU B 32 14.02 -26.31 -6.58
CA GLU B 32 13.46 -26.01 -7.89
C GLU B 32 11.95 -25.92 -7.78
N VAL B 33 11.36 -25.01 -8.55
CA VAL B 33 9.92 -25.00 -8.71
C VAL B 33 9.53 -26.01 -9.78
N THR B 34 8.34 -26.57 -9.65
CA THR B 34 7.81 -27.48 -10.65
C THR B 34 6.78 -26.78 -11.51
N PHE B 35 6.55 -27.33 -12.70
CA PHE B 35 5.61 -26.71 -13.61
C PHE B 35 4.44 -27.64 -13.86
N PRO B 36 3.22 -27.10 -13.92
CA PRO B 36 2.91 -25.66 -13.87
C PRO B 36 3.13 -25.01 -12.50
N LEU B 37 3.45 -23.72 -12.53
CA LEU B 37 3.59 -22.98 -11.28
C LEU B 37 2.24 -22.81 -10.60
N SER B 38 2.29 -22.68 -9.28
CA SER B 38 1.09 -22.26 -8.55
C SER B 38 0.85 -20.76 -8.73
N ASP B 39 -0.41 -20.35 -8.55
CA ASP B 39 -0.71 -18.93 -8.53
C ASP B 39 0.20 -18.21 -7.55
N GLN B 40 0.43 -18.81 -6.39
CA GLN B 40 1.28 -18.19 -5.37
C GLN B 40 2.69 -17.94 -5.90
N GLU B 41 3.26 -18.90 -6.65
CA GLU B 41 4.61 -18.73 -7.17
C GLU B 41 4.65 -17.62 -8.21
N ILE B 42 3.62 -17.50 -9.03
CA ILE B 42 3.52 -16.42 -10.01
C ILE B 42 3.40 -15.07 -9.30
N ILE B 43 2.50 -15.00 -8.33
CA ILE B 43 2.33 -13.77 -7.56
C ILE B 43 3.63 -13.35 -6.88
N LEU B 44 4.36 -14.32 -6.33
CA LEU B 44 5.59 -13.98 -5.63
C LEU B 44 6.57 -13.29 -6.58
N GLY B 45 6.76 -13.87 -7.76
CA GLY B 45 7.64 -13.25 -8.72
C GLY B 45 7.22 -11.84 -9.06
N GLU B 46 5.91 -11.63 -9.25
CA GLU B 46 5.41 -10.30 -9.57
C GLU B 46 5.60 -9.34 -8.42
N LYS B 47 5.40 -9.80 -7.18
CA LYS B 47 5.62 -8.90 -6.04
C LYS B 47 7.09 -8.59 -5.87
N MET B 48 7.98 -9.53 -6.19
CA MET B 48 9.40 -9.25 -6.15
C MET B 48 9.78 -8.17 -7.14
N MET B 49 9.26 -8.28 -8.36
CA MET B 49 9.52 -7.24 -9.36
C MET B 49 8.94 -5.90 -8.91
N GLN B 50 7.75 -5.92 -8.32
CA GLN B 50 7.16 -4.68 -7.82
C GLN B 50 8.03 -4.04 -6.74
N PHE B 51 8.63 -4.86 -5.87
CA PHE B 51 9.57 -4.32 -4.91
C PHE B 51 10.71 -3.60 -5.62
N LEU B 52 11.28 -4.21 -6.66
CA LEU B 52 12.42 -3.58 -7.32
C LEU B 52 12.02 -2.26 -7.94
N LYS B 53 10.85 -2.22 -8.60
CA LYS B 53 10.38 -0.98 -9.20
C LYS B 53 10.11 0.08 -8.12
N HIS B 54 9.50 -0.32 -7.00
CA HIS B 54 9.31 0.65 -5.91
C HIS B 54 10.66 1.14 -5.39
N SER B 55 11.64 0.25 -5.26
CA SER B 55 12.93 0.63 -4.68
C SER B 55 13.69 1.59 -5.56
N GLN B 56 13.39 1.63 -6.86
CA GLN B 56 14.10 2.47 -7.81
C GLN B 56 13.37 3.78 -8.06
N ASP B 57 12.19 3.94 -7.49
CA ASP B 57 11.42 5.18 -7.56
C ASP B 57 11.77 5.99 -6.33
N PRO B 58 12.43 7.15 -6.47
CA PRO B 58 12.89 7.87 -5.26
C PRO B 58 11.76 8.24 -4.30
N VAL B 59 10.60 8.67 -4.81
CA VAL B 59 9.50 8.99 -3.91
C VAL B 59 9.01 7.75 -3.16
N MET B 60 8.87 6.64 -3.88
CA MET B 60 8.39 5.41 -3.24
C MET B 60 9.41 4.85 -2.26
N ALA B 61 10.69 4.83 -2.66
CA ALA B 61 11.71 4.27 -1.77
C ALA B 61 11.77 5.05 -0.47
N GLU B 62 11.65 6.38 -0.55
CA GLU B 62 11.58 7.19 0.67
C GLU B 62 10.35 6.83 1.48
N LYS B 63 9.18 6.88 0.85
CA LYS B 63 7.92 6.62 1.53
C LYS B 63 7.90 5.24 2.20
N MET B 64 8.43 4.24 1.52
CA MET B 64 8.41 2.87 2.03
C MET B 64 9.69 2.48 2.75
N GLY B 65 10.68 3.37 2.84
CA GLY B 65 11.92 3.07 3.53
C GLY B 65 12.79 2.01 2.86
N LEU B 66 12.90 2.06 1.53
CA LEU B 66 13.57 1.00 0.78
C LEU B 66 14.99 1.40 0.43
N ARG B 67 15.89 0.42 0.45
CA ARG B 67 17.18 0.53 -0.23
C ARG B 67 16.96 0.17 -1.69
N GLY B 68 17.43 1.05 -2.59
CA GLY B 68 17.31 0.75 -4.01
C GLY B 68 18.06 -0.51 -4.38
N GLY B 69 17.47 -1.31 -5.27
CA GLY B 69 18.07 -2.57 -5.67
C GLY B 69 17.79 -2.89 -7.13
N VAL B 70 18.68 -3.70 -7.69
CA VAL B 70 18.53 -4.15 -9.08
C VAL B 70 18.25 -5.64 -9.19
N GLY B 71 18.14 -6.35 -8.07
CA GLY B 71 17.83 -7.77 -8.09
C GLY B 71 17.33 -8.22 -6.73
N LEU B 72 16.62 -9.34 -6.74
CA LEU B 72 16.13 -9.94 -5.51
C LEU B 72 15.96 -11.44 -5.76
N ALA B 73 16.24 -12.24 -4.74
CA ALA B 73 16.06 -13.69 -4.80
C ALA B 73 15.10 -14.14 -3.70
N ALA B 74 14.27 -15.12 -4.01
CA ALA B 74 13.26 -15.58 -3.04
C ALA B 74 13.85 -15.97 -1.69
N PRO B 75 15.03 -16.60 -1.59
CA PRO B 75 15.58 -16.89 -0.26
C PRO B 75 15.77 -15.66 0.62
N GLN B 76 16.01 -14.49 0.03
CA GLN B 76 16.08 -13.26 0.81
C GLN B 76 14.75 -12.88 1.45
N LEU B 77 13.64 -13.48 1.02
CA LEU B 77 12.34 -13.31 1.66
C LEU B 77 12.00 -14.49 2.56
N ASP B 78 12.99 -15.30 2.91
CA ASP B 78 12.80 -16.53 3.67
C ASP B 78 11.98 -17.57 2.92
N ILE B 79 12.07 -17.57 1.59
CA ILE B 79 11.33 -18.50 0.74
C ILE B 79 12.35 -19.28 -0.06
N SER B 80 12.53 -20.56 0.28
CA SER B 80 13.62 -21.36 -0.28
C SER B 80 13.20 -21.98 -1.62
N LYS B 81 12.97 -21.09 -2.60
CA LYS B 81 12.57 -21.46 -3.94
C LYS B 81 13.48 -20.77 -4.95
N ARG B 82 13.72 -21.43 -6.09
CA ARG B 82 14.62 -20.91 -7.12
C ARG B 82 13.89 -19.92 -8.02
N ILE B 83 13.62 -18.73 -7.46
CA ILE B 83 12.92 -17.65 -8.13
C ILE B 83 13.72 -16.38 -7.91
N ILE B 84 14.00 -15.65 -8.99
CA ILE B 84 14.73 -14.39 -8.90
C ILE B 84 14.05 -13.35 -9.78
N ALA B 85 14.23 -12.09 -9.41
CA ALA B 85 13.78 -10.96 -10.21
C ALA B 85 14.98 -10.04 -10.41
N VAL B 86 15.14 -9.53 -11.64
CA VAL B 86 16.24 -8.64 -11.97
C VAL B 86 15.69 -7.44 -12.72
N LEU B 87 16.20 -6.26 -12.37
CA LEU B 87 15.74 -4.99 -12.93
C LEU B 87 16.95 -4.06 -12.96
N VAL B 88 17.64 -4.04 -14.09
CA VAL B 88 18.84 -3.24 -14.27
C VAL B 88 18.48 -2.08 -15.17
N PRO B 89 18.52 -0.83 -14.68
CA PRO B 89 18.11 0.30 -15.51
C PRO B 89 19.16 0.53 -16.60
N ASN B 90 18.69 1.07 -17.70
CA ASN B 90 19.61 1.41 -18.78
C ASN B 90 20.28 2.76 -18.59
N ALA B 101 14.99 2.33 -21.31
CA ALA B 101 14.14 1.95 -20.19
C ALA B 101 14.93 1.11 -19.20
N TYR B 102 14.73 -0.19 -19.24
CA TYR B 102 15.49 -1.13 -18.43
C TYR B 102 16.46 -1.89 -19.34
N ASP B 103 17.71 -2.01 -18.89
CA ASP B 103 18.67 -2.85 -19.60
C ASP B 103 18.25 -4.30 -19.54
N LEU B 104 17.67 -4.71 -18.42
CA LEU B 104 17.20 -6.09 -18.25
C LEU B 104 16.09 -6.07 -17.22
N GLU B 105 14.94 -6.64 -17.58
CA GLU B 105 13.79 -6.79 -16.67
C GLU B 105 13.29 -8.22 -16.85
N ALA B 106 13.42 -9.04 -15.79
CA ALA B 106 13.00 -10.42 -15.92
C ALA B 106 12.69 -11.03 -14.56
N ILE B 107 11.66 -11.87 -14.54
CA ILE B 107 11.35 -12.74 -13.41
C ILE B 107 11.69 -14.15 -13.87
N MET B 108 12.67 -14.77 -13.23
CA MET B 108 13.19 -16.05 -13.70
C MET B 108 12.89 -17.16 -12.71
N TYR B 109 12.33 -18.25 -13.20
CA TYR B 109 12.11 -19.47 -12.43
C TYR B 109 13.17 -20.51 -12.81
N ASN B 110 13.78 -21.13 -11.81
CA ASN B 110 14.83 -22.12 -12.03
C ASN B 110 15.94 -21.62 -12.97
N PRO B 111 16.47 -20.43 -12.76
CA PRO B 111 17.57 -19.97 -13.61
C PRO B 111 18.79 -20.84 -13.41
N LYS B 112 19.55 -21.04 -14.48
CA LYS B 112 20.74 -21.89 -14.46
C LYS B 112 21.76 -21.35 -15.46
N ILE B 113 23.01 -21.25 -15.03
CA ILE B 113 24.10 -20.92 -15.94
C ILE B 113 24.47 -22.19 -16.71
N VAL B 114 24.30 -22.15 -18.04
CA VAL B 114 24.65 -23.30 -18.88
C VAL B 114 25.96 -23.12 -19.61
N SER B 115 26.49 -21.90 -19.66
CA SER B 115 27.80 -21.67 -20.26
C SER B 115 28.38 -20.39 -19.66
N HIS B 116 29.71 -20.33 -19.55
CA HIS B 116 30.31 -19.12 -19.04
C HIS B 116 31.67 -18.92 -19.71
N SER B 117 32.09 -17.67 -19.76
CA SER B 117 33.35 -17.32 -20.40
C SER B 117 34.52 -17.71 -19.51
N VAL B 118 35.68 -17.94 -20.14
CA VAL B 118 36.91 -18.07 -19.35
C VAL B 118 37.24 -16.74 -18.68
N GLN B 119 37.03 -15.65 -19.39
CA GLN B 119 37.25 -14.32 -18.82
C GLN B 119 36.38 -14.13 -17.59
N ASP B 120 36.97 -13.50 -16.57
CA ASP B 120 36.29 -13.08 -15.35
C ASP B 120 35.96 -11.60 -15.43
N ALA B 121 35.07 -11.16 -14.55
CA ALA B 121 34.73 -9.76 -14.46
C ALA B 121 34.35 -9.43 -13.03
N ALA B 122 34.54 -8.18 -12.64
CA ALA B 122 34.13 -7.73 -11.32
C ALA B 122 33.76 -6.26 -11.40
N LEU B 123 32.81 -5.87 -10.57
CA LEU B 123 32.43 -4.46 -10.50
C LEU B 123 33.55 -3.69 -9.82
N GLY B 124 33.96 -2.58 -10.42
CA GLY B 124 35.05 -1.81 -9.86
C GLY B 124 34.76 -1.35 -8.45
N GLU B 125 33.47 -1.19 -8.11
CA GLU B 125 33.04 -0.63 -6.84
C GLU B 125 32.63 -1.70 -5.84
N GLY B 126 33.02 -2.96 -6.06
CA GLY B 126 32.60 -4.02 -5.17
C GLY B 126 31.10 -4.24 -5.27
N GLU B 127 30.60 -5.08 -4.35
CA GLU B 127 29.19 -5.41 -4.29
C GLU B 127 28.68 -5.30 -2.86
N GLY B 128 27.37 -5.05 -2.75
CA GLY B 128 26.67 -5.15 -1.49
C GLY B 128 25.50 -6.10 -1.62
N CYS B 129 24.65 -6.18 -0.61
CA CYS B 129 23.56 -7.13 -0.66
C CYS B 129 22.46 -6.65 0.28
N LEU B 130 21.21 -6.79 -0.15
CA LEU B 130 20.11 -6.34 0.70
C LEU B 130 20.01 -7.15 1.98
N SER B 131 20.66 -8.31 2.05
CA SER B 131 20.65 -9.18 3.22
C SER B 131 21.89 -8.98 4.08
N VAL B 132 22.74 -8.00 3.75
CA VAL B 132 24.02 -7.77 4.41
C VAL B 132 24.05 -6.33 4.89
N ASP B 133 23.92 -6.14 6.20
CA ASP B 133 23.84 -4.80 6.78
C ASP B 133 25.21 -4.28 7.21
N ARG B 134 26.15 -4.31 6.27
CA ARG B 134 27.50 -3.82 6.46
C ARG B 134 28.17 -3.82 5.10
N ASN B 135 29.32 -3.17 5.02
CA ASN B 135 30.12 -3.12 3.80
C ASN B 135 31.29 -4.09 3.95
N VAL B 136 31.40 -5.01 3.01
CA VAL B 136 32.54 -5.93 2.94
C VAL B 136 33.33 -5.58 1.68
N PRO B 137 34.51 -4.96 1.80
CA PRO B 137 35.21 -4.48 0.62
C PRO B 137 35.94 -5.60 -0.10
N GLY B 138 36.16 -5.40 -1.40
CA GLY B 138 36.86 -6.38 -2.21
C GLY B 138 36.20 -6.66 -3.55
N TYR B 139 36.99 -7.10 -4.52
CA TYR B 139 36.43 -7.48 -5.82
C TYR B 139 35.72 -8.81 -5.70
N VAL B 140 34.43 -8.83 -6.05
CA VAL B 140 33.67 -10.06 -6.15
C VAL B 140 33.87 -10.59 -7.57
N VAL B 141 34.67 -11.63 -7.71
CA VAL B 141 35.09 -12.08 -9.02
C VAL B 141 34.01 -13.01 -9.57
N ARG B 142 33.51 -12.69 -10.75
CA ARG B 142 32.46 -13.45 -11.40
C ARG B 142 32.88 -13.78 -12.82
N HIS B 143 32.06 -14.56 -13.52
CA HIS B 143 32.27 -14.79 -14.94
C HIS B 143 31.94 -13.52 -15.71
N ALA B 144 32.75 -13.19 -16.71
CA ALA B 144 32.44 -12.02 -17.52
C ALA B 144 31.10 -12.19 -18.24
N ARG B 145 30.93 -13.31 -18.92
CA ARG B 145 29.74 -13.56 -19.72
C ARG B 145 29.15 -14.89 -19.32
N VAL B 146 27.81 -14.96 -19.30
CA VAL B 146 27.10 -16.19 -18.98
C VAL B 146 25.95 -16.38 -19.95
N THR B 147 25.67 -17.64 -20.24
CA THR B 147 24.44 -18.04 -20.91
C THR B 147 23.53 -18.64 -19.85
N VAL B 148 22.32 -18.11 -19.73
CA VAL B 148 21.40 -18.47 -18.66
C VAL B 148 20.12 -19.03 -19.27
N ASP B 149 19.73 -20.21 -18.82
CA ASP B 149 18.43 -20.79 -19.10
C ASP B 149 17.50 -20.51 -17.93
N TYR B 150 16.26 -20.16 -18.21
CA TYR B 150 15.27 -20.00 -17.15
C TYR B 150 13.89 -20.17 -17.75
N PHE B 151 12.91 -20.36 -16.88
CA PHE B 151 11.51 -20.43 -17.29
C PHE B 151 10.78 -19.17 -16.83
N ASP B 152 9.86 -18.68 -17.66
CA ASP B 152 9.05 -17.54 -17.27
C ASP B 152 7.80 -17.99 -16.51
N LYS B 153 6.96 -17.00 -16.12
CA LYS B 153 5.78 -17.24 -15.31
C LYS B 153 4.71 -18.04 -16.03
N ASP B 154 4.84 -18.20 -17.36
CA ASP B 154 3.95 -19.03 -18.15
C ASP B 154 4.53 -20.40 -18.44
N GLY B 155 5.70 -20.71 -17.88
CA GLY B 155 6.32 -21.99 -18.14
C GLY B 155 7.13 -22.06 -19.43
N GLU B 156 7.33 -20.95 -20.14
CA GLU B 156 8.14 -20.97 -21.35
C GLU B 156 9.63 -20.89 -21.02
N LYS B 157 10.43 -21.65 -21.76
CA LYS B 157 11.87 -21.66 -21.54
C LYS B 157 12.56 -20.56 -22.34
N HIS B 158 13.50 -19.87 -21.70
CA HIS B 158 14.29 -18.83 -22.33
C HIS B 158 15.78 -19.15 -22.16
N ARG B 159 16.56 -18.82 -23.19
CA ARG B 159 18.01 -18.94 -23.13
C ARG B 159 18.56 -17.60 -23.55
N ILE B 160 19.25 -16.91 -22.63
CA ILE B 160 19.73 -15.55 -22.86
C ILE B 160 21.24 -15.49 -22.62
N LYS B 161 21.88 -14.53 -23.27
CA LYS B 161 23.30 -14.28 -23.06
C LYS B 161 23.48 -12.91 -22.41
N LEU B 162 24.26 -12.88 -21.34
CA LEU B 162 24.46 -11.67 -20.56
C LEU B 162 25.94 -11.32 -20.49
N LYS B 163 26.21 -10.01 -20.50
CA LYS B 163 27.55 -9.46 -20.38
C LYS B 163 27.45 -8.23 -19.48
N GLY B 164 28.59 -7.61 -19.21
CA GLY B 164 28.58 -6.34 -18.49
C GLY B 164 27.88 -6.44 -17.15
N TYR B 165 27.13 -5.38 -16.82
CA TYR B 165 26.47 -5.30 -15.52
C TYR B 165 25.40 -6.38 -15.37
N ASN B 166 24.61 -6.61 -16.43
CA ASN B 166 23.56 -7.62 -16.37
C ASN B 166 24.12 -8.98 -15.95
N SER B 167 25.26 -9.37 -16.51
CA SER B 167 25.88 -10.63 -16.11
C SER B 167 26.18 -10.67 -14.62
N ILE B 168 26.72 -9.57 -14.08
CA ILE B 168 27.04 -9.51 -12.66
C ILE B 168 25.79 -9.71 -11.81
N VAL B 169 24.74 -8.97 -12.13
CA VAL B 169 23.52 -8.97 -11.32
C VAL B 169 22.88 -10.35 -11.30
N VAL B 170 22.78 -10.99 -12.47
CA VAL B 170 22.15 -12.29 -12.51
C VAL B 170 22.95 -13.32 -11.73
N GLN B 171 24.30 -13.26 -11.82
CA GLN B 171 25.11 -14.21 -11.05
C GLN B 171 24.96 -13.98 -9.55
N HIS B 172 24.83 -12.73 -9.12
CA HIS B 172 24.58 -12.46 -7.70
C HIS B 172 23.28 -13.13 -7.23
N GLU B 173 22.22 -13.02 -8.02
CA GLU B 173 20.95 -13.63 -7.60
C GLU B 173 20.99 -15.14 -7.66
N ILE B 174 21.65 -15.71 -8.68
CA ILE B 174 21.77 -17.17 -8.75
C ILE B 174 22.56 -17.68 -7.55
N ASP B 175 23.59 -16.93 -7.13
CA ASP B 175 24.32 -17.32 -5.93
C ASP B 175 23.37 -17.44 -4.74
N HIS B 176 22.42 -16.52 -4.62
CA HIS B 176 21.50 -16.58 -3.48
C HIS B 176 20.73 -17.89 -3.44
N ILE B 177 20.27 -18.38 -4.61
CA ILE B 177 19.50 -19.62 -4.63
C ILE B 177 20.37 -20.85 -4.39
N ASN B 178 21.69 -20.68 -4.40
CA ASN B 178 22.61 -21.75 -4.06
C ASN B 178 23.26 -21.55 -2.69
N GLY B 179 22.74 -20.64 -1.89
CA GLY B 179 23.25 -20.45 -0.54
C GLY B 179 24.58 -19.76 -0.48
N ILE B 180 24.91 -18.94 -1.49
CA ILE B 180 26.20 -18.30 -1.62
C ILE B 180 26.00 -16.79 -1.50
N MET B 181 26.85 -16.15 -0.69
CA MET B 181 26.84 -14.71 -0.50
C MET B 181 28.01 -14.08 -1.24
N PHE B 182 27.86 -12.79 -1.56
CA PHE B 182 28.84 -12.15 -2.44
C PHE B 182 30.24 -12.20 -1.85
N TYR B 183 30.37 -12.04 -0.53
CA TYR B 183 31.69 -12.05 0.06
C TYR B 183 32.38 -13.41 -0.02
N ASP B 184 31.63 -14.48 -0.35
CA ASP B 184 32.27 -15.76 -0.64
C ASP B 184 33.19 -15.68 -1.83
N ARG B 185 33.04 -14.66 -2.69
CA ARG B 185 33.81 -14.54 -3.93
C ARG B 185 34.85 -13.42 -3.87
N ILE B 186 35.14 -12.91 -2.68
CA ILE B 186 36.24 -11.98 -2.48
C ILE B 186 37.43 -12.79 -1.96
N ASN B 187 38.62 -12.44 -2.42
CA ASN B 187 39.83 -13.09 -1.88
C ASN B 187 40.20 -12.40 -0.58
N GLU B 188 39.95 -13.07 0.54
CA GLU B 188 40.18 -12.45 1.84
C GLU B 188 41.66 -12.23 2.10
N LYS B 189 42.52 -13.00 1.44
CA LYS B 189 43.95 -12.77 1.58
C LYS B 189 44.40 -11.51 0.86
N ASP B 190 43.66 -11.08 -0.16
CA ASP B 190 43.96 -9.84 -0.88
C ASP B 190 42.71 -9.35 -1.60
N PRO B 191 41.89 -8.53 -0.96
CA PRO B 191 40.57 -8.21 -1.52
C PRO B 191 40.59 -7.48 -2.87
N PHE B 192 41.65 -6.73 -3.18
CA PHE B 192 41.65 -5.93 -4.41
C PHE B 192 42.66 -6.41 -5.45
N ALA B 193 43.11 -7.66 -5.34
CA ALA B 193 44.04 -8.21 -6.31
C ALA B 193 43.39 -8.31 -7.68
N VAL B 194 44.15 -7.93 -8.72
CA VAL B 194 43.72 -8.07 -10.11
C VAL B 194 44.60 -9.12 -10.76
N LYS B 195 43.98 -9.98 -11.57
CA LYS B 195 44.67 -11.08 -12.22
C LYS B 195 44.56 -10.95 -13.73
N ASP B 196 45.40 -11.70 -14.43
CA ASP B 196 45.30 -11.76 -15.89
C ASP B 196 43.93 -12.29 -16.27
N GLY B 197 43.28 -11.66 -17.25
CA GLY B 197 41.99 -12.10 -17.74
C GLY B 197 40.80 -11.62 -16.93
N LEU B 198 41.01 -10.72 -15.98
CA LEU B 198 39.93 -10.16 -15.17
C LEU B 198 39.54 -8.80 -15.75
N LEU B 199 38.28 -8.69 -16.16
CA LEU B 199 37.73 -7.43 -16.64
C LEU B 199 37.17 -6.66 -15.44
N ILE B 200 37.74 -5.50 -15.15
CA ILE B 200 37.24 -4.65 -14.07
C ILE B 200 36.22 -3.69 -14.65
N LEU B 201 34.97 -3.78 -14.21
CA LEU B 201 33.91 -2.97 -14.77
C LEU B 201 33.72 -1.65 -14.02
#